data_3E8N
#
_entry.id   3E8N
#
_cell.length_a   82.261
_cell.length_b   82.261
_cell.length_c   129.778
_cell.angle_alpha   90.00
_cell.angle_beta   90.00
_cell.angle_gamma   120.00
#
_symmetry.space_group_name_H-M   'P 62'
#
loop_
_entity.id
_entity.type
_entity.pdbx_description
1 polymer 'Dual specificity mitogen-activated protein kinase kinase 1'
2 non-polymer 'MAGNESIUM ION'
3 non-polymer "ADENOSINE-5'-TRIPHOSPHATE"
4 non-polymer N-{3,4-difluoro-2-[(2-fluoro-4-iodophenyl)amino]-6-methoxyphenyl}-1-[(2S)-2,3-dihydroxypropyl]cyclopropanesulfonamide
5 water water
#
_entity_poly.entity_id   1
_entity_poly.type   'polypeptide(L)'
_entity_poly.pdbx_seq_one_letter_code
;MELKDDDFEKISELGAGNGGVVFKVSHKPSGLVMARKLIHLEIKPAIRNQIIRELQVLHECNSPYIVGFYGAFYSDGEIS
ICMEHMDGGSLDQVLKKAGRIPEQILGKVSIAVIKGLTYLREKHKIMHRDVKPSNILVNSRGEIKLCDFGVSGQLIDSMA
NSFVGTRSYMSPERLQGTHYSVQSDIWSMGLSLVEMAVGRYPIPPPDAKELELMFGCQVEGDAAETPPRPRTPGRPLSSY
GMDSRPPMAIFELLDYIVNEPPPKLPSGVFSLEFQDFVNKCLIKNPAERADLKQLMVHAFIKRSDAEEVDFAGWLCSTIG
LNQPSTPTHAAGVLEHHHHHH
;
_entity_poly.pdbx_strand_id   A
#
loop_
_chem_comp.id
_chem_comp.type
_chem_comp.name
_chem_comp.formula
ATP non-polymer ADENOSINE-5'-TRIPHOSPHATE 'C10 H16 N5 O13 P3'
MG non-polymer 'MAGNESIUM ION' 'Mg 2'
VRA non-polymer N-{3,4-difluoro-2-[(2-fluoro-4-iodophenyl)amino]-6-methoxyphenyl}-1-[(2S)-2,3-dihydroxypropyl]cyclopropanesulfonamide 'C19 H20 F3 I N2 O5 S'
#
# COMPACT_ATOMS: atom_id res chain seq x y z
N MET A 1 15.88 4.65 22.93
CA MET A 1 16.89 3.54 22.86
C MET A 1 17.25 3.20 21.41
N GLU A 2 18.51 2.83 21.20
CA GLU A 2 18.99 2.50 19.88
C GLU A 2 18.85 1.03 19.55
N LEU A 3 18.37 0.75 18.34
CA LEU A 3 18.18 -0.62 17.90
C LEU A 3 19.49 -1.22 17.41
N LYS A 4 19.71 -2.48 17.78
CA LYS A 4 20.93 -3.20 17.43
C LYS A 4 20.59 -4.66 17.05
N ASP A 5 21.24 -5.18 16.01
CA ASP A 5 20.99 -6.54 15.52
C ASP A 5 20.99 -7.67 16.55
N ASP A 6 21.97 -7.68 17.44
CA ASP A 6 22.03 -8.74 18.42
C ASP A 6 20.94 -8.64 19.50
N ASP A 7 20.25 -7.51 19.57
CA ASP A 7 19.18 -7.31 20.55
C ASP A 7 17.83 -7.88 20.09
N PHE A 8 17.78 -8.48 18.90
CA PHE A 8 16.54 -9.05 18.37
C PHE A 8 16.51 -10.56 18.46
N GLU A 9 15.33 -11.13 18.26
CA GLU A 9 15.15 -12.58 18.30
C GLU A 9 14.00 -12.92 17.35
N LYS A 10 14.26 -13.78 16.39
CA LYS A 10 13.25 -14.16 15.41
C LYS A 10 12.18 -15.04 16.03
N ILE A 11 10.93 -14.73 15.72
CA ILE A 11 9.80 -15.47 16.22
C ILE A 11 9.20 -16.25 15.06
N SER A 12 9.00 -15.56 13.94
CA SER A 12 8.44 -16.18 12.74
C SER A 12 8.62 -15.28 11.52
N GLU A 13 8.07 -15.69 10.39
CA GLU A 13 8.17 -14.90 9.17
C GLU A 13 6.81 -14.34 8.80
N LEU A 14 6.72 -13.02 8.65
CA LEU A 14 5.45 -12.39 8.31
C LEU A 14 5.23 -12.45 6.80
N GLY A 15 6.31 -12.62 6.06
CA GLY A 15 6.17 -12.69 4.62
C GLY A 15 7.43 -12.23 3.90
N ALA A 16 7.37 -12.30 2.58
CA ALA A 16 8.50 -11.89 1.76
C ALA A 16 8.01 -11.31 0.46
N GLY A 17 8.81 -10.42 -0.11
CA GLY A 17 8.46 -9.80 -1.37
C GLY A 17 9.68 -9.75 -2.27
N ASN A 18 9.56 -9.03 -3.38
CA ASN A 18 10.68 -8.93 -4.32
C ASN A 18 11.81 -8.06 -3.76
N GLY A 19 11.48 -7.16 -2.84
CA GLY A 19 12.49 -6.28 -2.29
C GLY A 19 13.15 -6.77 -1.00
N GLY A 20 12.40 -7.53 -0.20
CA GLY A 20 12.98 -8.02 1.04
C GLY A 20 12.09 -8.99 1.79
N VAL A 21 12.55 -9.40 2.96
CA VAL A 21 11.79 -10.32 3.77
C VAL A 21 11.59 -9.68 5.15
N VAL A 22 10.41 -9.85 5.70
CA VAL A 22 10.11 -9.27 7.00
C VAL A 22 9.73 -10.34 8.02
N PHE A 23 10.34 -10.26 9.19
CA PHE A 23 10.06 -11.22 10.25
C PHE A 23 9.34 -10.55 11.42
N LYS A 24 8.65 -11.39 12.19
CA LYS A 24 7.97 -10.95 13.40
C LYS A 24 9.03 -11.25 14.43
N VAL A 25 9.59 -10.22 15.02
CA VAL A 25 10.63 -10.46 15.98
C VAL A 25 10.34 -9.86 17.34
N SER A 26 11.19 -10.19 18.28
CA SER A 26 11.06 -9.69 19.62
C SER A 26 12.30 -8.85 19.93
N HIS A 27 12.11 -7.65 20.43
CA HIS A 27 13.24 -6.79 20.77
C HIS A 27 13.49 -7.07 22.26
N LYS A 28 14.35 -8.04 22.54
CA LYS A 28 14.63 -8.46 23.92
C LYS A 28 14.77 -7.35 24.96
N PRO A 29 15.61 -6.34 24.68
CA PRO A 29 15.79 -5.26 25.65
C PRO A 29 14.49 -4.62 26.15
N SER A 30 13.55 -4.41 25.24
CA SER A 30 12.29 -3.77 25.61
C SER A 30 11.16 -4.77 25.78
N GLY A 31 11.30 -5.93 25.16
CA GLY A 31 10.27 -6.96 25.24
C GLY A 31 9.17 -6.66 24.27
N LEU A 32 9.36 -5.62 23.48
CA LEU A 32 8.36 -5.21 22.51
C LEU A 32 8.42 -6.03 21.22
N VAL A 33 7.27 -6.52 20.75
CA VAL A 33 7.26 -7.29 19.53
C VAL A 33 7.23 -6.32 18.34
N MET A 34 8.08 -6.57 17.35
CA MET A 34 8.19 -5.68 16.18
C MET A 34 8.19 -6.42 14.86
N ALA A 35 8.10 -5.67 13.76
CA ALA A 35 8.17 -6.25 12.43
C ALA A 35 9.50 -5.72 11.93
N ARG A 36 10.37 -6.64 11.53
CA ARG A 36 11.68 -6.29 11.05
C ARG A 36 11.78 -6.68 9.57
N LYS A 37 12.01 -5.69 8.73
CA LYS A 37 12.14 -5.92 7.30
C LYS A 37 13.62 -5.93 6.95
N LEU A 38 14.06 -6.96 6.25
CA LEU A 38 15.45 -7.04 5.86
C LEU A 38 15.56 -6.80 4.35
N ILE A 39 16.43 -5.87 3.97
CA ILE A 39 16.62 -5.57 2.57
C ILE A 39 18.08 -5.83 2.22
N HIS A 40 18.33 -6.92 1.50
CA HIS A 40 19.69 -7.27 1.12
C HIS A 40 20.20 -6.35 0.01
N LEU A 41 21.23 -5.57 0.29
CA LEU A 41 21.78 -4.68 -0.71
C LEU A 41 23.28 -4.86 -0.93
N GLU A 42 23.62 -5.28 -2.14
CA GLU A 42 24.99 -5.50 -2.52
C GLU A 42 25.53 -4.17 -3.07
N ILE A 43 25.73 -3.20 -2.18
CA ILE A 43 26.22 -1.88 -2.55
C ILE A 43 27.31 -1.38 -1.59
N LYS A 44 28.10 -0.41 -2.02
CA LYS A 44 29.19 0.14 -1.19
C LYS A 44 28.69 0.59 0.18
N PRO A 45 29.59 0.60 1.17
CA PRO A 45 29.26 1.01 2.54
C PRO A 45 28.97 2.50 2.68
N ALA A 46 29.53 3.31 1.79
CA ALA A 46 29.32 4.75 1.84
C ALA A 46 27.87 5.09 1.55
N ILE A 47 27.36 4.51 0.48
CA ILE A 47 25.98 4.74 0.08
C ILE A 47 24.99 4.20 1.12
N ARG A 48 25.24 3.01 1.64
CA ARG A 48 24.33 2.45 2.63
C ARG A 48 24.24 3.39 3.83
N ASN A 49 25.33 4.11 4.10
CA ASN A 49 25.31 5.05 5.21
C ASN A 49 24.32 6.16 4.93
N GLN A 50 24.23 6.56 3.67
CA GLN A 50 23.32 7.61 3.27
C GLN A 50 21.88 7.11 3.42
N ILE A 51 21.66 5.87 3.02
CA ILE A 51 20.34 5.24 3.11
C ILE A 51 19.90 5.22 4.58
N ILE A 52 20.72 4.60 5.43
CA ILE A 52 20.41 4.54 6.85
C ILE A 52 20.14 5.94 7.40
N ARG A 53 20.87 6.92 6.92
CA ARG A 53 20.70 8.29 7.40
C ARG A 53 19.41 8.91 6.90
N GLU A 54 19.01 8.55 5.68
CA GLU A 54 17.78 9.09 5.13
C GLU A 54 16.57 8.39 5.74
N LEU A 55 16.73 7.15 6.20
CA LEU A 55 15.60 6.42 6.78
C LEU A 55 15.23 6.99 8.14
N GLN A 56 16.16 7.70 8.75
CA GLN A 56 15.92 8.29 10.07
C GLN A 56 14.72 9.23 10.14
N VAL A 57 14.39 9.90 9.04
CA VAL A 57 13.27 10.81 9.09
C VAL A 57 11.99 10.05 9.40
N LEU A 58 12.08 8.73 9.38
CA LEU A 58 10.92 7.90 9.68
C LEU A 58 10.48 8.13 11.13
N HIS A 59 11.41 8.58 11.98
CA HIS A 59 11.12 8.86 13.38
C HIS A 59 10.17 10.07 13.48
N GLU A 60 10.20 10.91 12.45
CA GLU A 60 9.35 12.09 12.39
C GLU A 60 8.01 11.84 11.71
N CYS A 61 7.82 10.64 11.17
CA CYS A 61 6.57 10.29 10.51
C CYS A 61 5.63 9.65 11.51
N ASN A 62 4.93 10.50 12.25
CA ASN A 62 4.00 10.04 13.26
C ASN A 62 2.58 10.39 12.82
N SER A 63 1.77 9.35 12.64
CA SER A 63 0.41 9.56 12.21
C SER A 63 -0.38 8.30 12.43
N PRO A 64 -1.69 8.45 12.68
CA PRO A 64 -2.53 7.27 12.90
C PRO A 64 -2.79 6.51 11.60
N TYR A 65 -2.44 7.11 10.48
CA TYR A 65 -2.65 6.46 9.19
C TYR A 65 -1.33 5.98 8.59
N ILE A 66 -0.26 6.01 9.39
CA ILE A 66 1.06 5.60 8.94
C ILE A 66 1.66 4.57 9.90
N VAL A 67 2.19 3.47 9.35
CA VAL A 67 2.81 2.47 10.21
C VAL A 67 3.90 3.07 11.10
N GLY A 68 3.84 2.73 12.39
CA GLY A 68 4.81 3.22 13.35
C GLY A 68 6.21 2.73 13.02
N PHE A 69 7.21 3.54 13.33
CA PHE A 69 8.60 3.19 13.04
C PHE A 69 9.44 3.15 14.32
N TYR A 70 10.33 2.17 14.42
CA TYR A 70 11.17 2.06 15.62
C TYR A 70 12.64 2.42 15.36
N GLY A 71 13.14 2.09 14.18
CA GLY A 71 14.53 2.41 13.88
C GLY A 71 15.06 1.68 12.66
N ALA A 72 16.14 2.22 12.14
CA ALA A 72 16.76 1.62 10.96
C ALA A 72 18.25 1.54 11.17
N PHE A 73 18.83 0.40 10.81
CA PHE A 73 20.25 0.18 10.93
C PHE A 73 20.74 -0.87 9.93
N TYR A 74 22.06 -0.93 9.73
CA TYR A 74 22.66 -1.89 8.82
C TYR A 74 23.34 -2.97 9.64
N SER A 75 23.08 -4.24 9.29
CA SER A 75 23.67 -5.34 10.02
C SER A 75 24.72 -6.04 9.19
N ASP A 76 24.40 -7.22 8.68
CA ASP A 76 25.39 -7.95 7.89
C ASP A 76 24.89 -8.22 6.49
N GLY A 77 25.15 -7.30 5.58
CA GLY A 77 24.72 -7.48 4.21
C GLY A 77 23.29 -7.06 3.95
N GLU A 78 22.75 -6.24 4.85
CA GLU A 78 21.39 -5.75 4.68
C GLU A 78 20.94 -4.75 5.71
N ILE A 79 20.14 -3.79 5.28
CA ILE A 79 19.65 -2.80 6.20
C ILE A 79 18.37 -3.34 6.82
N SER A 80 18.11 -2.93 8.05
CA SER A 80 16.93 -3.35 8.78
C SER A 80 16.00 -2.18 8.99
N ILE A 81 14.72 -2.39 8.71
CA ILE A 81 13.76 -1.34 8.96
C ILE A 81 12.82 -1.99 9.97
N CYS A 82 12.85 -1.47 11.20
CA CYS A 82 12.01 -2.03 12.24
C CYS A 82 10.78 -1.20 12.45
N MET A 83 9.63 -1.85 12.38
CA MET A 83 8.37 -1.15 12.53
C MET A 83 7.36 -1.83 13.45
N GLU A 84 6.23 -1.16 13.64
CA GLU A 84 5.13 -1.64 14.45
C GLU A 84 4.61 -2.92 13.79
N HIS A 85 4.28 -3.92 14.61
CA HIS A 85 3.75 -5.14 14.04
C HIS A 85 2.24 -4.98 13.90
N MET A 86 1.71 -5.22 12.71
CA MET A 86 0.27 -5.09 12.51
C MET A 86 -0.28 -6.51 12.42
N ASP A 87 -0.85 -6.96 13.53
CA ASP A 87 -1.38 -8.31 13.64
C ASP A 87 -2.42 -8.66 12.60
N GLY A 88 -2.93 -7.66 11.88
CA GLY A 88 -3.91 -7.92 10.85
C GLY A 88 -3.28 -8.16 9.49
N GLY A 89 -2.01 -7.80 9.33
CA GLY A 89 -1.34 -8.00 8.07
C GLY A 89 -1.68 -6.99 6.97
N SER A 90 -1.38 -7.34 5.74
CA SER A 90 -1.62 -6.46 4.61
C SER A 90 -2.99 -6.74 4.00
N LEU A 91 -3.58 -5.73 3.35
CA LEU A 91 -4.88 -5.91 2.74
C LEU A 91 -4.89 -6.98 1.67
N ASP A 92 -3.79 -7.11 0.93
CA ASP A 92 -3.76 -8.14 -0.10
C ASP A 92 -3.90 -9.52 0.58
N GLN A 93 -3.36 -9.67 1.79
CA GLN A 93 -3.48 -10.91 2.56
C GLN A 93 -4.94 -11.13 2.98
N VAL A 94 -5.57 -10.12 3.58
CA VAL A 94 -6.96 -10.27 4.00
C VAL A 94 -7.85 -10.43 2.77
N LEU A 95 -7.42 -9.89 1.63
CA LEU A 95 -8.20 -9.99 0.41
C LEU A 95 -8.34 -11.45 -0.02
N LYS A 96 -7.30 -12.24 0.22
CA LYS A 96 -7.33 -13.64 -0.17
C LYS A 96 -8.35 -14.41 0.67
N LYS A 97 -8.17 -14.39 1.99
CA LYS A 97 -9.09 -15.09 2.87
C LYS A 97 -10.52 -14.57 2.75
N ALA A 98 -10.68 -13.31 2.37
CA ALA A 98 -12.00 -12.72 2.22
C ALA A 98 -12.54 -12.89 0.81
N GLY A 99 -11.62 -13.09 -0.14
CA GLY A 99 -12.00 -13.26 -1.52
C GLY A 99 -12.43 -11.94 -2.13
N ARG A 100 -13.07 -11.12 -1.33
CA ARG A 100 -13.53 -9.82 -1.79
C ARG A 100 -13.80 -8.98 -0.56
N ILE A 101 -13.64 -7.66 -0.68
CA ILE A 101 -13.84 -6.78 0.45
C ILE A 101 -15.01 -5.85 0.19
N PRO A 102 -15.99 -5.84 1.11
CA PRO A 102 -17.20 -5.01 1.05
C PRO A 102 -16.95 -3.52 0.81
N GLU A 103 -17.89 -2.87 0.13
CA GLU A 103 -17.77 -1.46 -0.16
C GLU A 103 -17.70 -0.64 1.13
N GLN A 104 -18.42 -1.09 2.16
CA GLN A 104 -18.43 -0.40 3.44
C GLN A 104 -17.02 -0.31 4.01
N ILE A 105 -16.33 -1.44 4.03
CA ILE A 105 -14.96 -1.48 4.52
C ILE A 105 -14.05 -0.66 3.62
N LEU A 106 -14.17 -0.83 2.31
CA LEU A 106 -13.32 -0.07 1.39
C LEU A 106 -13.45 1.43 1.58
N GLY A 107 -14.61 1.87 2.09
CA GLY A 107 -14.80 3.30 2.31
C GLY A 107 -13.92 3.76 3.45
N LYS A 108 -13.86 2.95 4.50
CA LYS A 108 -13.04 3.30 5.64
C LYS A 108 -11.57 3.27 5.19
N VAL A 109 -11.22 2.23 4.42
CA VAL A 109 -9.88 2.05 3.89
C VAL A 109 -9.49 3.28 3.06
N SER A 110 -10.41 3.71 2.20
CA SER A 110 -10.14 4.86 1.37
C SER A 110 -9.84 6.08 2.23
N ILE A 111 -10.57 6.25 3.33
CA ILE A 111 -10.34 7.40 4.19
C ILE A 111 -8.93 7.34 4.75
N ALA A 112 -8.57 6.20 5.34
CA ALA A 112 -7.22 6.07 5.89
C ALA A 112 -6.14 6.32 4.81
N VAL A 113 -6.32 5.78 3.61
CA VAL A 113 -5.34 5.98 2.56
C VAL A 113 -5.18 7.45 2.20
N ILE A 114 -6.30 8.11 1.95
CA ILE A 114 -6.28 9.54 1.60
C ILE A 114 -5.61 10.37 2.70
N LYS A 115 -5.95 10.09 3.95
CA LYS A 115 -5.37 10.85 5.05
C LYS A 115 -3.89 10.54 5.20
N GLY A 116 -3.50 9.29 4.98
CA GLY A 116 -2.10 8.92 5.07
C GLY A 116 -1.30 9.64 3.98
N LEU A 117 -1.81 9.61 2.76
CA LEU A 117 -1.13 10.25 1.65
C LEU A 117 -1.02 11.76 1.92
N THR A 118 -2.12 12.35 2.37
CA THR A 118 -2.19 13.79 2.69
C THR A 118 -1.18 14.15 3.77
N TYR A 119 -1.08 13.32 4.79
CA TYR A 119 -0.14 13.59 5.85
C TYR A 119 1.29 13.56 5.29
N LEU A 120 1.64 12.50 4.55
CA LEU A 120 2.97 12.39 3.99
C LEU A 120 3.34 13.58 3.12
N ARG A 121 2.38 14.08 2.35
CA ARG A 121 2.66 15.22 1.50
C ARG A 121 2.73 16.56 2.23
N GLU A 122 1.76 16.82 3.11
CA GLU A 122 1.73 18.08 3.84
C GLU A 122 2.85 18.26 4.85
N LYS A 123 3.09 17.25 5.67
CA LYS A 123 4.11 17.36 6.69
C LYS A 123 5.51 16.87 6.34
N HIS A 124 5.67 16.22 5.20
CA HIS A 124 7.00 15.73 4.81
C HIS A 124 7.31 15.93 3.35
N LYS A 125 6.35 16.52 2.63
CA LYS A 125 6.52 16.79 1.22
C LYS A 125 7.03 15.57 0.44
N ILE A 126 6.37 14.42 0.59
CA ILE A 126 6.78 13.23 -0.14
C ILE A 126 5.61 12.36 -0.61
N MET A 127 5.78 11.75 -1.78
CA MET A 127 4.74 10.89 -2.31
C MET A 127 5.06 9.46 -1.91
N HIS A 128 4.04 8.61 -1.92
CA HIS A 128 4.24 7.23 -1.53
C HIS A 128 5.13 6.47 -2.55
N ARG A 129 4.68 6.48 -3.81
CA ARG A 129 5.34 5.81 -4.93
C ARG A 129 5.04 4.34 -5.09
N ASP A 130 4.44 3.73 -4.06
CA ASP A 130 4.16 2.28 -4.15
C ASP A 130 2.90 1.87 -3.39
N VAL A 131 1.80 2.54 -3.70
CA VAL A 131 0.52 2.25 -3.08
C VAL A 131 -0.07 1.03 -3.79
N LYS A 132 -0.45 0.03 -3.00
CA LYS A 132 -1.03 -1.21 -3.50
C LYS A 132 -1.47 -1.97 -2.25
N PRO A 133 -2.42 -2.90 -2.38
CA PRO A 133 -2.93 -3.69 -1.25
C PRO A 133 -1.89 -4.20 -0.24
N SER A 134 -0.77 -4.72 -0.71
CA SER A 134 0.25 -5.23 0.20
C SER A 134 0.89 -4.13 1.05
N ASN A 135 0.84 -2.87 0.61
CA ASN A 135 1.46 -1.82 1.43
C ASN A 135 0.46 -1.07 2.32
N ILE A 136 -0.71 -1.68 2.52
CA ILE A 136 -1.72 -1.10 3.39
C ILE A 136 -1.92 -2.10 4.52
N LEU A 137 -1.50 -1.75 5.72
CA LEU A 137 -1.61 -2.64 6.87
C LEU A 137 -2.82 -2.34 7.75
N VAL A 138 -3.25 -3.34 8.51
CA VAL A 138 -4.40 -3.20 9.39
C VAL A 138 -4.19 -4.08 10.61
N ASN A 139 -4.74 -3.66 11.76
CA ASN A 139 -4.62 -4.43 12.98
C ASN A 139 -5.96 -4.66 13.65
N SER A 140 -5.94 -5.54 14.64
CA SER A 140 -7.12 -5.91 15.41
C SER A 140 -7.80 -4.72 16.11
N ARG A 141 -7.05 -3.63 16.28
CA ARG A 141 -7.60 -2.43 16.89
C ARG A 141 -8.39 -1.62 15.88
N GLY A 142 -8.47 -2.12 14.65
CA GLY A 142 -9.21 -1.43 13.60
C GLY A 142 -8.44 -0.36 12.84
N GLU A 143 -7.15 -0.21 13.13
CA GLU A 143 -6.37 0.79 12.45
C GLU A 143 -5.93 0.34 11.05
N ILE A 144 -5.89 1.31 10.13
CA ILE A 144 -5.52 1.10 8.75
C ILE A 144 -4.37 2.07 8.49
N LYS A 145 -3.18 1.52 8.22
CA LYS A 145 -1.98 2.32 8.03
C LYS A 145 -1.19 2.02 6.74
N LEU A 146 -0.56 3.04 6.17
CA LEU A 146 0.24 2.88 4.96
C LEU A 146 1.69 2.61 5.34
N CYS A 147 2.37 1.81 4.53
CA CYS A 147 3.77 1.55 4.78
C CYS A 147 4.51 1.52 3.45
N ASP A 148 5.82 1.34 3.51
CA ASP A 148 6.63 1.24 2.29
C ASP A 148 6.54 2.44 1.33
N PHE A 149 6.63 3.64 1.87
CA PHE A 149 6.59 4.83 1.03
C PHE A 149 8.04 5.34 0.85
N GLY A 150 8.31 6.02 -0.26
CA GLY A 150 9.65 6.49 -0.55
C GLY A 150 10.13 7.65 0.32
N VAL A 151 10.82 7.32 1.40
CA VAL A 151 11.32 8.35 2.30
C VAL A 151 12.79 8.65 1.99
N SER A 152 13.50 7.63 1.53
CA SER A 152 14.91 7.76 1.20
C SER A 152 15.12 7.73 -0.31
N GLY A 153 15.60 8.84 -0.84
CA GLY A 153 15.83 8.93 -2.26
C GLY A 153 16.85 7.89 -2.67
N GLN A 154 17.91 7.77 -1.89
CA GLN A 154 18.94 6.81 -2.22
C GLN A 154 18.43 5.38 -2.32
N LEU A 155 17.51 4.99 -1.43
CA LEU A 155 16.97 3.64 -1.47
C LEU A 155 16.18 3.44 -2.76
N ILE A 156 15.41 4.46 -3.15
CA ILE A 156 14.63 4.38 -4.36
C ILE A 156 15.58 4.07 -5.53
N ASP A 157 16.72 4.76 -5.59
CA ASP A 157 17.68 4.53 -6.66
C ASP A 157 18.24 3.11 -6.65
N SER A 158 18.67 2.66 -5.48
CA SER A 158 19.25 1.33 -5.38
C SER A 158 18.24 0.21 -5.57
N MET A 159 16.98 0.58 -5.78
CA MET A 159 15.93 -0.41 -6.00
C MET A 159 15.39 -0.23 -7.43
N ALA A 160 15.96 0.71 -8.18
CA ALA A 160 15.53 0.98 -9.55
C ALA A 160 15.66 -0.23 -10.48
N ASN A 161 16.44 -1.22 -10.06
CA ASN A 161 16.64 -2.42 -10.88
C ASN A 161 15.99 -3.65 -10.25
N SER A 162 14.74 -3.48 -9.81
CA SER A 162 13.97 -4.54 -9.18
C SER A 162 14.78 -5.18 -8.05
N VAL A 164 9.95 -5.45 -9.65
CA VAL A 164 9.00 -5.14 -10.72
C VAL A 164 7.72 -5.97 -10.59
N GLY A 165 7.71 -7.14 -11.21
CA GLY A 165 6.54 -8.00 -11.14
C GLY A 165 5.52 -7.72 -12.22
N THR A 166 4.92 -8.80 -12.72
CA THR A 166 3.90 -8.75 -13.77
C THR A 166 2.78 -7.73 -13.47
N ARG A 167 1.95 -8.01 -12.48
CA ARG A 167 0.87 -7.10 -12.12
C ARG A 167 1.43 -5.74 -11.71
N SER A 168 1.01 -4.68 -12.40
CA SER A 168 1.50 -3.34 -12.10
C SER A 168 0.42 -2.38 -11.61
N TYR A 169 0.78 -1.54 -10.63
CA TYR A 169 -0.15 -0.55 -10.07
C TYR A 169 0.37 0.84 -10.47
N MET A 170 1.32 0.86 -11.40
CA MET A 170 1.90 2.12 -11.84
C MET A 170 0.97 2.90 -12.78
N SER A 171 0.92 4.21 -12.59
CA SER A 171 0.07 5.04 -13.42
C SER A 171 0.57 5.02 -14.85
N PRO A 172 -0.30 5.42 -15.79
CA PRO A 172 0.05 5.46 -17.19
C PRO A 172 1.22 6.40 -17.40
N GLU A 173 1.20 7.58 -16.75
CA GLU A 173 2.30 8.53 -16.93
C GLU A 173 3.62 8.01 -16.38
N ARG A 174 3.59 7.29 -15.26
CA ARG A 174 4.82 6.77 -14.70
C ARG A 174 5.40 5.63 -15.56
N LEU A 175 4.54 4.86 -16.20
CA LEU A 175 4.99 3.77 -17.05
C LEU A 175 5.62 4.31 -18.33
N GLN A 176 5.16 5.47 -18.78
CA GLN A 176 5.67 6.06 -20.01
C GLN A 176 6.92 6.91 -19.87
N GLY A 177 7.08 7.58 -18.73
CA GLY A 177 8.26 8.40 -18.58
C GLY A 177 8.54 8.83 -17.16
N THR A 178 9.21 9.98 -17.07
CA THR A 178 9.58 10.54 -15.78
C THR A 178 8.68 11.73 -15.42
N HIS A 179 7.71 12.04 -16.29
CA HIS A 179 6.79 13.14 -16.04
C HIS A 179 5.62 12.69 -15.16
N TYR A 180 5.91 12.38 -13.91
CA TYR A 180 4.88 11.94 -12.96
C TYR A 180 5.22 12.47 -11.58
N SER A 181 4.22 12.51 -10.70
CA SER A 181 4.40 13.01 -9.33
C SER A 181 3.30 12.46 -8.41
N VAL A 182 2.95 13.20 -7.37
CA VAL A 182 1.94 12.74 -6.41
C VAL A 182 0.65 12.19 -7.01
N GLN A 183 0.22 12.73 -8.14
CA GLN A 183 -1.00 12.26 -8.78
C GLN A 183 -0.91 10.79 -9.12
N SER A 184 0.31 10.31 -9.29
CA SER A 184 0.55 8.91 -9.63
C SER A 184 0.01 7.99 -8.53
N ASP A 185 0.09 8.45 -7.28
CA ASP A 185 -0.42 7.66 -6.16
C ASP A 185 -1.94 7.51 -6.26
N ILE A 186 -2.65 8.53 -6.75
CA ILE A 186 -4.11 8.44 -6.84
C ILE A 186 -4.52 7.29 -7.76
N TRP A 187 -3.83 7.16 -8.89
CA TRP A 187 -4.11 6.08 -9.82
C TRP A 187 -3.93 4.73 -9.12
N SER A 188 -2.86 4.59 -8.33
CA SER A 188 -2.61 3.32 -7.64
C SER A 188 -3.72 2.99 -6.64
N MET A 189 -4.18 4.00 -5.91
CA MET A 189 -5.23 3.79 -4.93
C MET A 189 -6.51 3.33 -5.64
N GLY A 190 -6.83 4.01 -6.74
CA GLY A 190 -8.01 3.64 -7.49
C GLY A 190 -7.93 2.18 -7.90
N LEU A 191 -6.83 1.81 -8.56
CA LEU A 191 -6.66 0.43 -9.01
C LEU A 191 -6.74 -0.55 -7.84
N SER A 192 -6.07 -0.21 -6.73
CA SER A 192 -6.10 -1.09 -5.56
C SER A 192 -7.52 -1.28 -5.02
N LEU A 193 -8.33 -0.21 -5.10
CA LEU A 193 -9.70 -0.31 -4.62
C LEU A 193 -10.51 -1.24 -5.50
N VAL A 194 -10.33 -1.14 -6.81
CA VAL A 194 -11.04 -2.00 -7.73
C VAL A 194 -10.64 -3.46 -7.47
N GLU A 195 -9.35 -3.70 -7.30
CA GLU A 195 -8.87 -5.05 -7.03
C GLU A 195 -9.55 -5.63 -5.81
N MET A 196 -9.52 -4.86 -4.72
CA MET A 196 -10.13 -5.32 -3.46
C MET A 196 -11.64 -5.41 -3.56
N ALA A 197 -12.23 -4.64 -4.45
CA ALA A 197 -13.67 -4.65 -4.61
C ALA A 197 -14.16 -5.77 -5.52
N VAL A 198 -13.32 -6.19 -6.46
CA VAL A 198 -13.72 -7.24 -7.40
C VAL A 198 -13.18 -8.61 -6.99
N GLY A 199 -12.01 -8.64 -6.38
CA GLY A 199 -11.46 -9.91 -5.97
C GLY A 199 -10.23 -10.37 -6.73
N ARG A 200 -9.70 -9.53 -7.62
CA ARG A 200 -8.51 -9.87 -8.39
C ARG A 200 -7.96 -8.65 -9.13
N TYR A 201 -6.71 -8.76 -9.59
CA TYR A 201 -6.07 -7.68 -10.33
C TYR A 201 -7.02 -7.28 -11.48
N PRO A 202 -7.48 -6.01 -11.48
CA PRO A 202 -8.40 -5.36 -12.41
C PRO A 202 -8.08 -5.45 -13.89
N ILE A 203 -6.85 -5.78 -14.24
CA ILE A 203 -6.49 -5.84 -15.64
C ILE A 203 -5.99 -7.21 -16.07
N PRO A 204 -6.57 -7.76 -17.15
CA PRO A 204 -7.63 -7.17 -17.96
C PRO A 204 -8.95 -7.28 -17.23
N PRO A 205 -9.87 -6.36 -17.53
CA PRO A 205 -11.20 -6.34 -16.91
C PRO A 205 -12.00 -7.61 -17.18
N PRO A 206 -12.85 -8.02 -16.22
CA PRO A 206 -13.67 -9.21 -16.36
C PRO A 206 -14.80 -8.97 -17.36
N ASP A 207 -15.22 -10.02 -18.05
CA ASP A 207 -16.29 -9.93 -19.05
C ASP A 207 -17.67 -10.13 -18.40
N ALA A 208 -18.72 -9.95 -19.19
CA ALA A 208 -20.09 -10.11 -18.70
C ALA A 208 -20.27 -11.43 -17.97
N LYS A 209 -19.83 -12.51 -18.61
CA LYS A 209 -19.96 -13.85 -18.02
C LYS A 209 -19.14 -14.04 -16.75
N GLU A 210 -17.99 -13.37 -16.68
CA GLU A 210 -17.12 -13.46 -15.51
C GLU A 210 -17.73 -12.76 -14.30
N LEU A 211 -18.28 -11.57 -14.53
CA LEU A 211 -18.92 -10.80 -13.46
C LEU A 211 -20.12 -11.56 -12.90
N GLU A 212 -20.87 -12.19 -13.79
CA GLU A 212 -22.06 -12.95 -13.41
C GLU A 212 -21.70 -14.07 -12.42
N LEU A 213 -20.50 -14.64 -12.60
CA LEU A 213 -20.01 -15.69 -11.72
C LEU A 213 -19.55 -15.12 -10.39
N MET A 214 -18.74 -14.06 -10.44
CA MET A 214 -18.25 -13.43 -9.22
C MET A 214 -19.44 -13.02 -8.34
N PHE A 215 -20.31 -12.16 -8.87
CA PHE A 215 -21.48 -11.69 -8.11
C PHE A 215 -22.74 -12.45 -8.51
N PRO A 246 -5.07 -17.26 -18.32
CA PRO A 246 -3.61 -17.13 -18.19
C PRO A 246 -3.16 -15.68 -18.12
N PRO A 247 -2.20 -15.38 -17.22
CA PRO A 247 -1.64 -14.03 -17.03
C PRO A 247 -1.19 -13.43 -18.37
N MET A 248 -1.27 -12.11 -18.51
CA MET A 248 -0.86 -11.45 -19.75
C MET A 248 0.66 -11.37 -19.80
N ALA A 249 1.22 -11.14 -20.99
CA ALA A 249 2.67 -11.03 -21.10
C ALA A 249 3.07 -9.64 -20.57
N ILE A 250 4.33 -9.49 -20.20
CA ILE A 250 4.81 -8.21 -19.67
C ILE A 250 4.35 -6.98 -20.46
N PHE A 251 4.70 -6.91 -21.74
CA PHE A 251 4.31 -5.78 -22.58
C PHE A 251 2.79 -5.70 -22.76
N GLU A 252 2.17 -6.84 -23.04
CA GLU A 252 0.72 -6.92 -23.24
C GLU A 252 -0.06 -6.20 -22.14
N LEU A 253 0.37 -6.39 -20.89
CA LEU A 253 -0.30 -5.78 -19.76
C LEU A 253 -0.04 -4.27 -19.66
N LEU A 254 1.20 -3.86 -19.87
CA LEU A 254 1.56 -2.45 -19.79
C LEU A 254 0.98 -1.65 -20.94
N ASP A 255 0.83 -2.29 -22.10
CA ASP A 255 0.28 -1.62 -23.27
C ASP A 255 -1.20 -1.35 -23.01
N TYR A 256 -1.84 -2.32 -22.35
CA TYR A 256 -3.25 -2.22 -22.02
C TYR A 256 -3.44 -1.01 -21.11
N ILE A 257 -2.72 -0.99 -20.00
CA ILE A 257 -2.80 0.09 -19.03
C ILE A 257 -2.64 1.47 -19.67
N VAL A 258 -1.67 1.62 -20.55
CA VAL A 258 -1.40 2.89 -21.19
C VAL A 258 -2.34 3.30 -22.32
N ASN A 259 -2.77 2.34 -23.12
CA ASN A 259 -3.64 2.62 -24.25
C ASN A 259 -5.11 2.30 -24.06
N GLU A 260 -5.41 1.09 -23.58
CA GLU A 260 -6.79 0.71 -23.39
C GLU A 260 -7.42 1.55 -22.26
N PRO A 261 -8.74 1.72 -22.30
CA PRO A 261 -9.45 2.51 -21.27
C PRO A 261 -9.26 1.89 -19.89
N PRO A 262 -9.27 2.73 -18.85
CA PRO A 262 -9.11 2.33 -17.44
C PRO A 262 -10.16 1.36 -16.95
N PRO A 263 -9.85 0.61 -15.89
CA PRO A 263 -10.78 -0.37 -15.33
C PRO A 263 -11.96 0.27 -14.61
N LYS A 264 -13.16 0.00 -15.08
CA LYS A 264 -14.35 0.54 -14.44
C LYS A 264 -14.84 -0.44 -13.40
N LEU A 265 -15.70 0.03 -12.52
CA LEU A 265 -16.26 -0.81 -11.47
C LEU A 265 -17.62 -1.29 -12.00
N PRO A 266 -17.96 -2.56 -11.76
CA PRO A 266 -19.24 -3.12 -12.21
C PRO A 266 -20.45 -2.38 -11.62
N SER A 267 -21.32 -1.86 -12.49
CA SER A 267 -22.50 -1.13 -12.04
C SER A 267 -23.57 -2.06 -11.48
N GLY A 268 -24.41 -1.52 -10.60
CA GLY A 268 -25.45 -2.33 -10.00
C GLY A 268 -25.07 -2.92 -8.66
N VAL A 269 -23.99 -3.71 -8.63
CA VAL A 269 -23.53 -4.34 -7.40
C VAL A 269 -22.80 -3.35 -6.48
N PHE A 270 -22.36 -2.23 -7.04
CA PHE A 270 -21.67 -1.22 -6.26
C PHE A 270 -22.36 0.12 -6.37
N SER A 271 -22.26 0.89 -5.29
CA SER A 271 -22.86 2.22 -5.21
C SER A 271 -22.49 3.11 -6.37
N LEU A 272 -23.32 4.11 -6.62
CA LEU A 272 -23.06 5.06 -7.70
C LEU A 272 -21.97 6.05 -7.26
N GLU A 273 -21.92 6.32 -5.95
CA GLU A 273 -20.92 7.25 -5.42
C GLU A 273 -19.52 6.63 -5.45
N PHE A 274 -19.45 5.35 -5.12
CA PHE A 274 -18.19 4.62 -5.12
C PHE A 274 -17.69 4.47 -6.55
N GLN A 275 -18.61 4.29 -7.50
CA GLN A 275 -18.22 4.14 -8.89
C GLN A 275 -17.56 5.43 -9.37
N ASP A 276 -18.15 6.56 -9.00
CA ASP A 276 -17.61 7.84 -9.41
C ASP A 276 -16.25 8.11 -8.76
N PHE A 277 -16.09 7.61 -7.53
CA PHE A 277 -14.87 7.78 -6.78
C PHE A 277 -13.67 7.17 -7.52
N VAL A 278 -13.77 5.88 -7.87
CA VAL A 278 -12.68 5.23 -8.57
C VAL A 278 -12.50 5.84 -9.96
N ASN A 279 -13.60 6.25 -10.60
CA ASN A 279 -13.49 6.87 -11.91
C ASN A 279 -12.65 8.13 -11.85
N LYS A 280 -12.85 8.91 -10.79
CA LYS A 280 -12.11 10.14 -10.62
C LYS A 280 -10.63 9.81 -10.38
N CYS A 281 -10.39 8.60 -9.89
CA CYS A 281 -9.06 8.11 -9.58
C CYS A 281 -8.33 7.57 -10.80
N LEU A 282 -9.08 6.84 -11.61
CA LEU A 282 -8.53 6.19 -12.79
C LEU A 282 -8.59 6.96 -14.08
N ILE A 283 -8.43 8.28 -13.99
CA ILE A 283 -8.42 9.12 -15.18
C ILE A 283 -6.96 9.08 -15.68
N LYS A 284 -6.79 8.71 -16.95
CA LYS A 284 -5.44 8.60 -17.51
C LYS A 284 -4.61 9.86 -17.42
N ASN A 285 -5.24 11.00 -17.67
CA ASN A 285 -4.51 12.25 -17.59
C ASN A 285 -4.37 12.66 -16.13
N PRO A 286 -3.13 12.75 -15.64
CA PRO A 286 -2.86 13.13 -14.24
C PRO A 286 -3.32 14.53 -13.82
N ALA A 287 -3.39 15.43 -14.77
CA ALA A 287 -3.81 16.80 -14.48
C ALA A 287 -5.33 16.86 -14.37
N GLU A 288 -6.01 16.02 -15.14
CA GLU A 288 -7.46 15.98 -15.07
C GLU A 288 -7.94 15.07 -13.94
N ARG A 289 -7.09 14.13 -13.54
CA ARG A 289 -7.39 13.18 -12.46
C ARG A 289 -7.60 13.91 -11.14
N ALA A 290 -8.46 13.38 -10.30
CA ALA A 290 -8.73 14.01 -9.01
C ALA A 290 -7.49 13.98 -8.12
N ASP A 291 -7.39 14.93 -7.19
CA ASP A 291 -6.27 14.98 -6.26
C ASP A 291 -6.78 14.74 -4.84
N LEU A 292 -5.85 14.62 -3.89
CA LEU A 292 -6.20 14.35 -2.49
C LEU A 292 -7.26 15.33 -1.96
N LYS A 293 -7.07 16.61 -2.24
CA LYS A 293 -7.99 17.65 -1.79
C LYS A 293 -9.42 17.33 -2.24
N GLN A 294 -9.61 17.10 -3.54
CA GLN A 294 -10.94 16.79 -4.07
C GLN A 294 -11.54 15.49 -3.53
N LEU A 295 -10.77 14.41 -3.54
CA LEU A 295 -11.28 13.13 -3.06
C LEU A 295 -11.65 13.19 -1.57
N MET A 296 -10.95 14.05 -0.84
CA MET A 296 -11.20 14.18 0.57
C MET A 296 -12.65 14.64 0.83
N VAL A 297 -13.20 15.45 -0.07
CA VAL A 297 -14.56 15.95 0.09
C VAL A 297 -15.52 15.37 -0.94
N HIS A 298 -15.22 14.18 -1.43
CA HIS A 298 -16.05 13.51 -2.44
C HIS A 298 -17.22 12.78 -1.78
N ALA A 299 -18.36 12.73 -2.46
CA ALA A 299 -19.55 12.10 -1.93
C ALA A 299 -19.32 10.76 -1.24
N PHE A 300 -18.52 9.89 -1.88
CA PHE A 300 -18.22 8.56 -1.34
C PHE A 300 -17.51 8.60 0.02
N ILE A 301 -16.64 9.58 0.19
CA ILE A 301 -15.89 9.72 1.45
C ILE A 301 -16.82 10.32 2.52
N LYS A 302 -17.52 11.40 2.17
CA LYS A 302 -18.44 12.04 3.11
C LYS A 302 -19.41 10.95 3.61
N ARG A 303 -19.96 10.19 2.68
CA ARG A 303 -20.88 9.13 3.06
C ARG A 303 -20.20 8.11 3.96
N SER A 304 -19.04 7.60 3.53
CA SER A 304 -18.32 6.59 4.35
C SER A 304 -17.91 7.16 5.71
N ASP A 305 -17.57 8.43 5.73
CA ASP A 305 -17.15 9.09 6.94
C ASP A 305 -18.23 8.98 8.03
N ALA A 306 -19.46 9.27 7.64
CA ALA A 306 -20.59 9.21 8.57
C ALA A 306 -20.97 7.79 8.98
N GLU A 307 -20.95 6.87 8.01
CA GLU A 307 -21.31 5.47 8.29
C GLU A 307 -20.61 4.87 9.51
N GLU A 308 -21.35 4.06 10.25
CA GLU A 308 -20.84 3.39 11.45
C GLU A 308 -20.48 1.96 11.02
N VAL A 309 -19.18 1.69 10.93
CA VAL A 309 -18.71 0.38 10.53
C VAL A 309 -17.75 -0.17 11.55
N ASP A 310 -17.90 -1.45 11.88
CA ASP A 310 -17.02 -2.08 12.85
C ASP A 310 -15.94 -2.86 12.09
N PHE A 311 -14.95 -2.13 11.61
CA PHE A 311 -13.84 -2.71 10.87
C PHE A 311 -13.14 -3.81 11.68
N ALA A 312 -12.77 -3.51 12.91
CA ALA A 312 -12.09 -4.52 13.73
C ALA A 312 -12.84 -5.84 13.72
N GLY A 313 -14.15 -5.79 13.98
CA GLY A 313 -14.94 -7.00 14.01
C GLY A 313 -14.87 -7.77 12.70
N TRP A 314 -15.06 -7.05 11.60
CA TRP A 314 -15.03 -7.66 10.27
C TRP A 314 -13.65 -8.26 9.98
N LEU A 315 -12.62 -7.46 10.16
CA LEU A 315 -11.25 -7.87 9.91
C LEU A 315 -10.87 -9.11 10.72
N CYS A 316 -11.30 -9.13 11.98
CA CYS A 316 -10.97 -10.26 12.85
C CYS A 316 -11.74 -11.53 12.55
N SER A 317 -13.00 -11.40 12.18
CA SER A 317 -13.81 -12.58 11.88
C SER A 317 -13.42 -13.19 10.52
N THR A 318 -13.23 -12.34 9.52
CA THR A 318 -12.85 -12.81 8.19
C THR A 318 -11.50 -13.53 8.15
N ILE A 319 -10.55 -13.12 9.00
CA ILE A 319 -9.25 -13.77 9.03
C ILE A 319 -9.04 -14.57 10.30
N GLY A 320 -10.12 -14.74 11.06
CA GLY A 320 -10.04 -15.50 12.31
C GLY A 320 -8.91 -15.06 13.21
N LEU A 321 -9.05 -13.88 13.79
CA LEU A 321 -8.02 -13.33 14.69
C LEU A 321 -8.53 -13.17 16.12
N ASN A 322 -9.46 -12.22 16.31
CA ASN A 322 -10.04 -11.96 17.64
C ASN A 322 -10.95 -13.11 18.08
MG MG B . 5.09 -3.75 1.08
PG ATP C . 6.52 -6.04 -2.97
O1G ATP C . 6.89 -7.02 -4.05
O2G ATP C . 5.74 -4.85 -3.49
O3G ATP C . 7.72 -5.66 -2.17
PB ATP C . 5.22 -6.72 -0.49
O1B ATP C . 4.82 -5.32 -0.23
O2B ATP C . 4.29 -7.82 -0.13
O3B ATP C . 5.52 -6.92 -2.05
PA ATP C . 7.17 -6.49 1.59
O1A ATP C . 8.58 -6.99 1.78
O2A ATP C . 6.94 -5.00 1.69
O3A ATP C . 6.65 -7.01 0.17
O5' ATP C . 6.25 -7.23 2.68
C5' ATP C . 6.01 -8.63 2.64
C4' ATP C . 4.80 -9.02 3.51
O4' ATP C . 5.14 -8.82 4.89
C3' ATP C . 3.54 -8.18 3.27
O3' ATP C . 2.65 -8.75 2.29
C2' ATP C . 2.91 -8.04 4.65
O2' ATP C . 1.81 -8.92 4.81
C1' ATP C . 4.01 -8.36 5.64
N9 ATP C . 4.37 -7.13 6.42
C8 ATP C . 5.14 -6.12 6.01
N7 ATP C . 5.26 -5.17 6.98
C5 ATP C . 4.55 -5.57 8.03
C6 ATP C . 4.24 -5.04 9.41
N6 ATP C . 4.74 -3.85 9.82
N1 ATP C . 3.44 -5.79 10.21
C2 ATP C . 2.92 -6.99 9.82
N3 ATP C . 3.17 -7.51 8.59
C4 ATP C . 3.95 -6.87 7.67
C1 VRA D . 9.27 0.48 5.30
C2 VRA D . 9.52 1.45 4.23
C3 VRA D . 8.94 2.84 4.36
C4 VRA D . 8.22 3.23 5.45
C5 VRA D . 7.98 2.25 6.52
C6 VRA D . 8.51 0.90 6.45
N7 VRA D . 10.29 0.96 3.10
C8 VRA D . 10.84 1.79 2.04
C9 VRA D . 10.59 1.41 0.65
C10 VRA D . 11.14 2.21 -0.42
C11 VRA D . 11.94 3.38 -0.12
C12 VRA D . 12.18 3.76 1.26
C13 VRA D . 11.64 2.97 2.32
I14 VRA D . 6.82 2.85 8.23
F15 VRA D . 9.75 -0.79 5.23
F16 VRA D . 11.92 3.37 3.62
F17 VRA D . 12.92 4.87 1.54
N18 VRA D . 9.78 0.26 0.31
S19 VRA D . 10.25 -1.29 0.48
O20 VRA D . 8.97 -2.21 0.32
O21 VRA D . 10.87 -1.52 1.90
C22 VRA D . 11.49 -1.69 -0.80
C23 VRA D . 12.92 -1.27 -0.48
C24 VRA D . 12.52 -2.72 -0.40
C25 VRA D . 11.05 -1.62 -2.30
C26 VRA D . 9.88 -2.63 -2.61
C27 VRA D . 9.46 -2.53 -4.11
O28 VRA D . 8.02 -2.64 -4.23
O29 VRA D . 10.31 -3.98 -2.35
O30 VRA D . 10.88 1.82 -1.78
C31 VRA D . 12.06 1.96 -2.60
#